data_1SP4
#
_entry.id   1SP4
#
_cell.length_a   73.064
_cell.length_b   73.064
_cell.length_c   141.970
_cell.angle_alpha   90.00
_cell.angle_beta   90.00
_cell.angle_gamma   90.00
#
_symmetry.space_group_name_H-M   'P 43 21 2'
#
loop_
_entity.id
_entity.type
_entity.pdbx_description
1 polymer 'Cathepsin B'
2 polymer 'Cathepsin B'
3 non-polymer 'methyl N-[(2S)-4-{[(1S)-1-{[(2S)-2-carboxypyrrolidin-1-yl]carbonyl}-3-methylbutyl]amino}-2-hydroxy-4-oxobutanoyl]-L-leucylglycylglycinate'
4 water water
#
loop_
_entity_poly.entity_id
_entity_poly.type
_entity_poly.pdbx_seq_one_letter_code
_entity_poly.pdbx_strand_id
1 'polypeptide(L)' LPESFDAREQWPNCPTIKEIRDQGSCGSCWAFGAVEAISDRICIHSNG A
2 'polypeptide(L)'
;RVNVEVSAEDMLTCCGGECGDGCNGGFPSGAWNFWTKKGLVSGGLYNSHVGCRPYSIPPCEHHVNGSRPPCTGEGDTPKC
NKTCEPGYSPSYKEDKHFGCSSYSVANNEKEIMAEIYKNGPVEGAFSVYSDFLLYKSGVYQHVSGEIMGGHAIRILGWGV
ENGTPYWLVGNSWNTDWGDNGFFKILRGQDHCGIESEIVAGMPCT
;
B
#
# COMPACT_ATOMS: atom_id res chain seq x y z
N LEU A 1 0.58 22.78 -10.60
CA LEU A 1 1.31 21.55 -10.22
C LEU A 1 2.44 21.25 -11.20
N PRO A 2 3.58 20.82 -10.67
CA PRO A 2 4.80 20.47 -11.40
C PRO A 2 4.51 19.32 -12.37
N GLU A 3 5.29 19.25 -13.44
CA GLU A 3 5.09 18.23 -14.46
C GLU A 3 5.35 16.85 -13.89
N SER A 4 6.37 16.79 -13.02
CA SER A 4 6.79 15.58 -12.35
C SER A 4 6.75 15.72 -10.84
N PHE A 5 6.70 14.59 -10.15
CA PHE A 5 6.69 14.59 -8.69
C PHE A 5 6.93 13.18 -8.17
N ASP A 6 7.92 13.05 -7.29
CA ASP A 6 8.28 11.76 -6.71
C ASP A 6 8.32 11.97 -5.20
N ALA A 7 7.39 11.33 -4.50
CA ALA A 7 7.28 11.51 -3.04
C ALA A 7 8.55 11.14 -2.28
N ARG A 8 9.32 10.19 -2.84
CA ARG A 8 10.54 9.73 -2.21
C ARG A 8 11.56 10.85 -2.10
N GLU A 9 11.69 11.62 -3.17
CA GLU A 9 12.59 12.75 -3.21
C GLU A 9 12.09 13.94 -2.46
N GLN A 10 10.77 14.19 -2.46
CA GLN A 10 10.21 15.34 -1.75
C GLN A 10 10.19 15.28 -0.21
N TRP A 11 10.07 14.08 0.36
CA TRP A 11 10.12 13.96 1.82
C TRP A 11 11.25 12.97 2.17
N PRO A 12 12.51 13.42 1.96
CA PRO A 12 13.67 12.57 2.26
C PRO A 12 13.82 12.08 3.70
N ASN A 13 13.12 12.72 4.64
CA ASN A 13 13.19 12.28 6.03
C ASN A 13 12.19 11.16 6.33
N CYS A 14 11.53 10.62 5.29
CA CYS A 14 10.51 9.57 5.50
C CYS A 14 10.77 8.35 4.64
N PRO A 15 11.69 7.48 5.10
CA PRO A 15 12.16 6.23 4.51
C PRO A 15 11.06 5.25 4.11
N THR A 16 9.94 5.25 4.81
CA THR A 16 8.87 4.31 4.43
C THR A 16 8.40 4.52 3.02
N ILE A 17 8.48 5.77 2.54
CA ILE A 17 8.04 6.11 1.19
C ILE A 17 8.77 5.30 0.13
N LYS A 18 10.05 5.01 0.38
CA LYS A 18 10.88 4.21 -0.54
C LYS A 18 10.75 2.73 -0.35
N GLU A 19 10.11 2.30 0.73
CA GLU A 19 10.03 0.87 1.04
C GLU A 19 9.05 0.07 0.21
N ILE A 20 9.42 -1.14 -0.14
CA ILE A 20 8.52 -2.03 -0.87
C ILE A 20 8.31 -3.24 0.04
N ARG A 21 7.06 -3.64 0.24
CA ARG A 21 6.74 -4.76 1.11
C ARG A 21 6.38 -6.00 0.29
N ASP A 22 6.07 -7.11 0.97
CA ASP A 22 5.70 -8.34 0.30
C ASP A 22 4.45 -8.91 1.00
N GLN A 23 3.34 -8.94 0.28
CA GLN A 23 2.08 -9.41 0.86
C GLN A 23 2.02 -10.91 1.09
N GLY A 24 2.97 -11.64 0.53
CA GLY A 24 3.02 -13.09 0.71
C GLY A 24 1.88 -13.76 -0.03
N SER A 25 1.63 -15.03 0.26
CA SER A 25 0.53 -15.77 -0.42
C SER A 25 -0.78 -15.49 0.25
N CYS A 26 -1.34 -14.31 -0.03
CA CYS A 26 -2.56 -13.85 0.61
C CYS A 26 -3.13 -12.63 -0.16
N GLY A 27 -4.43 -12.60 -0.39
CA GLY A 27 -5.00 -11.46 -1.09
C GLY A 27 -5.15 -10.28 -0.18
N SER A 28 -4.07 -9.82 0.44
CA SER A 28 -4.15 -8.68 1.36
C SER A 28 -3.70 -7.35 0.71
N CYS A 29 -3.72 -7.28 -0.62
CA CYS A 29 -3.34 -6.04 -1.33
C CYS A 29 -4.06 -4.82 -0.73
N TRP A 30 -5.34 -4.98 -0.43
CA TRP A 30 -6.14 -3.90 0.15
C TRP A 30 -5.55 -3.33 1.45
N ALA A 31 -5.00 -4.21 2.28
CA ALA A 31 -4.42 -3.82 3.59
C ALA A 31 -3.05 -3.19 3.41
N PHE A 32 -2.30 -3.69 2.43
CA PHE A 32 -0.98 -3.18 2.20
C PHE A 32 -0.96 -1.79 1.62
N GLY A 33 -1.87 -1.53 0.67
CA GLY A 33 -1.90 -0.22 0.04
C GLY A 33 -2.19 0.79 1.13
N ALA A 34 -3.09 0.43 2.03
CA ALA A 34 -3.46 1.29 3.15
C ALA A 34 -2.33 1.54 4.17
N VAL A 35 -1.80 0.48 4.78
CA VAL A 35 -0.76 0.64 5.82
C VAL A 35 0.50 1.31 5.32
N GLU A 36 0.82 1.10 4.06
CA GLU A 36 2.01 1.69 3.49
C GLU A 36 1.81 3.21 3.38
N ALA A 37 0.66 3.61 2.85
CA ALA A 37 0.40 5.04 2.69
C ALA A 37 0.17 5.66 4.06
N ILE A 38 -0.38 4.89 5.00
CA ILE A 38 -0.60 5.45 6.34
C ILE A 38 0.74 5.70 7.02
N SER A 39 1.71 4.81 6.76
CA SER A 39 3.04 4.97 7.36
C SER A 39 3.68 6.23 6.77
N ASP A 40 3.54 6.41 5.45
CA ASP A 40 4.14 7.58 4.81
C ASP A 40 3.52 8.84 5.42
N ARG A 41 2.19 8.82 5.56
CA ARG A 41 1.51 9.98 6.09
C ARG A 41 1.78 10.32 7.55
N ILE A 42 2.00 9.31 8.40
CA ILE A 42 2.28 9.56 9.81
C ILE A 42 3.63 10.30 9.85
N CYS A 43 4.55 9.86 9.02
CA CYS A 43 5.85 10.50 8.98
C CYS A 43 5.79 11.92 8.42
N ILE A 44 5.07 12.09 7.32
CA ILE A 44 4.96 13.41 6.66
C ILE A 44 4.29 14.46 7.56
N HIS A 45 3.29 14.04 8.31
CA HIS A 45 2.61 14.99 9.19
C HIS A 45 2.95 14.68 10.64
N SER A 46 4.22 14.83 11.03
CA SER A 46 4.67 14.53 12.41
C SER A 46 4.36 15.64 13.42
N ASN A 47 3.07 15.94 13.52
CA ASN A 47 2.48 16.95 14.42
C ASN A 47 2.61 18.46 14.35
N GLY A 48 1.54 19.10 14.82
CA GLY A 48 1.46 20.55 14.83
C GLY A 48 0.07 21.09 14.64
N ARG B 1 7.84 13.06 15.13
CA ARG B 1 7.54 12.40 16.39
C ARG B 1 7.24 10.92 16.12
N VAL B 2 7.03 10.56 14.86
CA VAL B 2 6.71 9.19 14.51
C VAL B 2 7.07 8.78 13.10
N ASN B 3 8.11 7.97 12.97
CA ASN B 3 8.44 7.36 11.69
C ASN B 3 8.23 5.89 12.04
N VAL B 4 7.02 5.40 11.81
CA VAL B 4 6.70 4.03 12.14
C VAL B 4 6.24 3.16 11.00
N GLU B 5 6.63 1.90 11.07
CA GLU B 5 6.26 0.90 10.10
C GLU B 5 4.90 0.38 10.59
N VAL B 6 3.81 0.90 10.00
CA VAL B 6 2.50 0.48 10.42
C VAL B 6 2.25 -0.98 10.08
N SER B 7 1.66 -1.72 11.02
CA SER B 7 1.44 -3.15 10.85
C SER B 7 0.36 -3.54 9.84
N ALA B 8 0.76 -4.29 8.84
CA ALA B 8 -0.18 -4.84 7.86
C ALA B 8 -0.93 -5.98 8.57
N GLU B 9 -0.26 -6.61 9.53
CA GLU B 9 -0.84 -7.77 10.24
C GLU B 9 -2.07 -7.38 11.00
N ASP B 10 -1.95 -6.25 11.68
CA ASP B 10 -3.02 -5.74 12.51
C ASP B 10 -4.26 -5.40 11.66
N MET B 11 -4.06 -4.79 10.49
CA MET B 11 -5.14 -4.37 9.59
C MET B 11 -5.80 -5.60 8.99
N LEU B 12 -4.98 -6.51 8.49
CA LEU B 12 -5.45 -7.72 7.83
C LEU B 12 -6.25 -8.66 8.74
N THR B 13 -5.75 -8.86 9.96
CA THR B 13 -6.37 -9.82 10.88
C THR B 13 -7.46 -9.29 11.78
N CYS B 14 -7.36 -8.04 12.21
CA CYS B 14 -8.38 -7.55 13.14
C CYS B 14 -9.50 -6.67 12.59
N CYS B 15 -9.39 -6.15 11.37
CA CYS B 15 -10.48 -5.31 10.90
C CYS B 15 -11.85 -6.00 10.79
N GLY B 16 -11.89 -7.22 10.26
CA GLY B 16 -13.16 -7.91 10.17
C GLY B 16 -14.04 -7.56 8.98
N GLY B 17 -15.35 -7.71 9.14
CA GLY B 17 -16.29 -7.48 8.04
C GLY B 17 -16.27 -6.10 7.39
N GLU B 18 -15.87 -5.11 8.17
CA GLU B 18 -15.87 -3.74 7.68
C GLU B 18 -14.84 -3.52 6.58
N CYS B 19 -13.78 -4.33 6.55
CA CYS B 19 -12.74 -4.24 5.53
C CYS B 19 -12.91 -5.29 4.47
N GLY B 20 -13.88 -6.17 4.65
CA GLY B 20 -14.08 -7.22 3.66
C GLY B 20 -13.79 -8.62 4.20
N ASP B 21 -12.87 -9.33 3.56
CA ASP B 21 -12.63 -10.71 3.97
C ASP B 21 -11.17 -11.19 4.06
N GLY B 22 -10.35 -10.48 4.83
CA GLY B 22 -8.97 -10.91 5.04
C GLY B 22 -8.17 -11.26 3.80
N CYS B 23 -7.59 -12.46 3.79
CA CYS B 23 -6.81 -12.92 2.63
C CYS B 23 -7.64 -13.15 1.33
N ASN B 24 -8.96 -13.03 1.41
CA ASN B 24 -9.81 -13.19 0.25
C ASN B 24 -10.21 -11.84 -0.34
N GLY B 25 -9.43 -10.80 -0.03
CA GLY B 25 -9.71 -9.48 -0.56
C GLY B 25 -10.56 -8.62 0.34
N GLY B 26 -10.52 -7.30 0.09
CA GLY B 26 -11.30 -6.38 0.89
C GLY B 26 -11.52 -5.01 0.29
N PHE B 27 -11.87 -4.05 1.15
CA PHE B 27 -12.20 -2.68 0.73
C PHE B 27 -11.24 -1.64 1.29
N PRO B 28 -10.56 -0.93 0.38
CA PRO B 28 -9.59 0.11 0.70
C PRO B 28 -10.18 1.16 1.63
N SER B 29 -11.36 1.73 1.33
CA SER B 29 -11.88 2.74 2.23
C SER B 29 -12.20 2.15 3.59
N GLY B 30 -12.54 0.85 3.61
CA GLY B 30 -12.87 0.20 4.87
C GLY B 30 -11.61 0.20 5.74
N ALA B 31 -10.45 -0.01 5.12
CA ALA B 31 -9.18 -0.08 5.85
C ALA B 31 -8.83 1.27 6.48
N TRP B 32 -8.99 2.37 5.74
CA TRP B 32 -8.71 3.69 6.28
C TRP B 32 -9.68 4.00 7.42
N ASN B 33 -10.91 3.50 7.31
CA ASN B 33 -11.90 3.67 8.38
C ASN B 33 -11.46 2.96 9.68
N PHE B 34 -10.87 1.77 9.53
CA PHE B 34 -10.39 1.03 10.69
C PHE B 34 -9.31 1.83 11.40
N TRP B 35 -8.41 2.43 10.63
CA TRP B 35 -7.35 3.25 11.20
C TRP B 35 -7.90 4.36 12.07
N THR B 36 -9.06 4.91 11.69
CA THR B 36 -9.66 6.01 12.45
C THR B 36 -10.49 5.51 13.65
N LYS B 37 -11.04 4.31 13.55
CA LYS B 37 -11.85 3.80 14.63
C LYS B 37 -11.05 3.04 15.69
N LYS B 38 -10.23 2.11 15.26
CA LYS B 38 -9.46 1.28 16.19
C LYS B 38 -7.97 1.57 16.19
N GLY B 39 -7.47 2.28 15.19
CA GLY B 39 -6.04 2.55 15.15
C GLY B 39 -5.24 1.34 14.72
N LEU B 40 -3.95 1.52 14.47
CA LEU B 40 -3.10 0.42 14.04
C LEU B 40 -1.77 0.47 14.82
N VAL B 41 -1.28 -0.72 15.21
CA VAL B 41 -0.01 -0.79 15.90
C VAL B 41 1.10 -0.89 14.87
N SER B 42 2.33 -0.77 15.33
CA SER B 42 3.51 -0.85 14.48
C SER B 42 3.76 -2.30 14.15
N GLY B 43 4.50 -2.57 13.09
CA GLY B 43 4.80 -3.94 12.74
C GLY B 43 5.57 -3.99 11.42
N GLY B 44 6.74 -4.62 11.45
CA GLY B 44 7.57 -4.72 10.26
C GLY B 44 7.41 -5.91 9.34
N LEU B 45 8.45 -6.15 8.54
CA LEU B 45 8.43 -7.23 7.55
C LEU B 45 8.47 -8.60 8.18
N TYR B 46 8.22 -9.63 7.37
CA TYR B 46 8.27 -11.00 7.86
C TYR B 46 9.62 -11.20 8.54
N ASN B 47 9.49 -11.64 9.78
CA ASN B 47 10.55 -11.80 10.77
C ASN B 47 11.71 -10.84 10.85
N SER B 48 11.34 -9.57 11.04
CA SER B 48 12.25 -8.47 11.20
C SER B 48 12.35 -8.26 12.72
N HIS B 49 11.34 -8.75 13.41
CA HIS B 49 11.17 -8.56 14.86
C HIS B 49 11.09 -7.06 15.14
N VAL B 50 10.50 -6.32 14.19
CA VAL B 50 10.36 -4.88 14.31
C VAL B 50 8.91 -4.53 14.63
N GLY B 51 8.68 -3.82 15.72
CA GLY B 51 7.35 -3.39 16.07
C GLY B 51 6.50 -4.40 16.83
N CYS B 52 5.28 -3.96 17.13
CA CYS B 52 4.33 -4.75 17.88
C CYS B 52 3.88 -6.00 17.17
N ARG B 53 3.50 -5.89 15.90
CA ARG B 53 2.99 -7.06 15.18
C ARG B 53 3.53 -7.19 13.75
N PRO B 54 4.73 -7.78 13.60
CA PRO B 54 5.34 -7.97 12.27
C PRO B 54 4.43 -8.84 11.41
N TYR B 55 4.64 -8.80 10.10
CA TYR B 55 3.83 -9.59 9.19
C TYR B 55 4.15 -11.09 9.39
N SER B 56 3.13 -11.92 9.50
CA SER B 56 3.36 -13.35 9.74
C SER B 56 3.30 -14.28 8.54
N ILE B 57 3.09 -13.75 7.33
CA ILE B 57 3.01 -14.58 6.15
C ILE B 57 4.32 -14.42 5.42
N PRO B 58 5.04 -15.53 5.19
CA PRO B 58 6.33 -15.49 4.49
C PRO B 58 6.28 -14.89 3.09
N PRO B 59 7.38 -14.23 2.69
CA PRO B 59 7.56 -13.58 1.38
C PRO B 59 7.73 -14.69 0.36
N CYS B 60 7.34 -14.44 -0.88
CA CYS B 60 7.44 -15.44 -1.92
C CYS B 60 7.70 -14.80 -3.29
N GLU B 61 7.84 -15.62 -4.32
CA GLU B 61 8.08 -15.12 -5.68
C GLU B 61 6.76 -14.78 -6.36
N HIS B 62 6.55 -13.51 -6.66
CA HIS B 62 5.29 -13.08 -7.27
C HIS B 62 5.43 -12.97 -8.80
N HIS B 63 5.05 -14.03 -9.51
CA HIS B 63 5.07 -14.06 -10.97
C HIS B 63 6.45 -13.84 -11.60
N VAL B 64 7.48 -14.23 -10.86
CA VAL B 64 8.88 -14.13 -11.29
C VAL B 64 9.68 -15.29 -10.73
N ASN B 65 10.93 -15.42 -11.18
CA ASN B 65 11.79 -16.49 -10.67
C ASN B 65 12.80 -15.82 -9.75
N GLY B 66 12.90 -16.35 -8.54
CA GLY B 66 13.84 -15.80 -7.57
C GLY B 66 14.33 -16.90 -6.68
N SER B 67 14.83 -16.54 -5.49
CA SER B 67 15.38 -17.53 -4.56
C SER B 67 14.38 -17.97 -3.52
N ARG B 68 13.29 -17.21 -3.35
CA ARG B 68 12.28 -17.56 -2.38
C ARG B 68 11.29 -18.53 -3.00
N PRO B 69 10.47 -19.21 -2.18
CA PRO B 69 9.50 -20.14 -2.78
C PRO B 69 8.45 -19.36 -3.58
N PRO B 70 7.79 -20.03 -4.54
CA PRO B 70 6.77 -19.33 -5.33
C PRO B 70 5.52 -19.10 -4.47
N CYS B 71 4.85 -17.98 -4.68
CA CYS B 71 3.62 -17.66 -3.96
C CYS B 71 2.56 -18.66 -4.42
N THR B 72 1.63 -19.02 -3.53
CA THR B 72 0.54 -19.93 -3.89
C THR B 72 -0.87 -19.31 -3.90
N GLY B 73 -1.01 -18.09 -4.38
CA GLY B 73 -2.32 -17.43 -4.42
C GLY B 73 -3.25 -17.53 -3.22
N GLU B 74 -3.16 -16.55 -2.32
CA GLU B 74 -3.96 -16.46 -1.09
C GLU B 74 -4.21 -17.73 -0.28
N GLY B 75 -3.81 -17.64 0.98
CA GLY B 75 -3.99 -18.72 1.92
C GLY B 75 -4.92 -18.24 3.00
N ASP B 76 -4.71 -18.72 4.22
CA ASP B 76 -5.59 -18.35 5.31
C ASP B 76 -5.26 -17.06 6.03
N THR B 77 -6.31 -16.40 6.51
CA THR B 77 -6.16 -15.17 7.24
C THR B 77 -5.74 -15.58 8.65
N PRO B 78 -4.65 -15.01 9.15
CA PRO B 78 -4.19 -15.35 10.51
C PRO B 78 -5.09 -14.73 11.58
N LYS B 79 -4.96 -15.22 12.82
CA LYS B 79 -5.77 -14.70 13.93
C LYS B 79 -5.51 -13.26 14.27
N CYS B 80 -6.55 -12.63 14.81
CA CYS B 80 -6.51 -11.29 15.30
C CYS B 80 -6.02 -11.45 16.75
N ASN B 81 -4.73 -11.29 16.96
CA ASN B 81 -4.16 -11.43 18.28
C ASN B 81 -3.78 -10.06 18.77
N LYS B 82 -4.41 -9.62 19.87
CA LYS B 82 -4.17 -8.31 20.40
C LYS B 82 -3.02 -8.22 21.39
N THR B 83 -1.85 -8.67 20.93
CA THR B 83 -0.64 -8.60 21.74
C THR B 83 0.55 -8.33 20.85
N CYS B 84 1.59 -7.73 21.42
CA CYS B 84 2.81 -7.45 20.68
C CYS B 84 3.77 -8.63 20.84
N GLU B 85 4.76 -8.69 19.96
CA GLU B 85 5.74 -9.77 20.01
C GLU B 85 6.52 -9.65 21.34
N PRO B 86 7.13 -10.76 21.77
CA PRO B 86 7.87 -10.66 23.04
C PRO B 86 9.08 -9.74 22.99
N GLY B 87 9.20 -8.90 24.00
CA GLY B 87 10.33 -7.99 24.06
C GLY B 87 9.97 -6.59 23.62
N TYR B 88 8.80 -6.43 22.99
CA TYR B 88 8.40 -5.12 22.52
C TYR B 88 7.63 -4.35 23.58
N SER B 89 7.87 -3.06 23.61
CA SER B 89 7.19 -2.14 24.51
C SER B 89 6.86 -0.93 23.63
N PRO B 90 5.70 -0.30 23.85
CA PRO B 90 4.67 -0.56 24.85
C PRO B 90 3.69 -1.70 24.49
N SER B 91 2.58 -1.78 25.21
CA SER B 91 1.63 -2.85 24.99
C SER B 91 0.81 -2.57 23.73
N TYR B 92 0.03 -3.56 23.32
CA TYR B 92 -0.80 -3.46 22.15
C TYR B 92 -1.65 -2.22 22.17
N LYS B 93 -2.45 -2.08 23.22
CA LYS B 93 -3.32 -0.93 23.33
C LYS B 93 -2.62 0.41 23.19
N GLU B 94 -1.43 0.59 23.77
CA GLU B 94 -0.73 1.88 23.72
C GLU B 94 0.17 2.11 22.49
N ASP B 95 0.35 1.08 21.68
CA ASP B 95 1.14 1.22 20.47
C ASP B 95 0.23 1.55 19.30
N LYS B 96 -1.06 1.80 19.55
CA LYS B 96 -2.05 2.10 18.49
C LYS B 96 -1.93 3.52 17.97
N HIS B 97 -1.83 3.68 16.66
CA HIS B 97 -1.79 5.00 16.04
C HIS B 97 -3.14 5.22 15.36
N PHE B 98 -3.76 6.35 15.62
CA PHE B 98 -5.08 6.64 15.09
C PHE B 98 -5.05 7.68 13.97
N GLY B 99 -5.96 7.49 13.01
CA GLY B 99 -6.13 8.50 11.98
C GLY B 99 -7.29 9.37 12.45
N CYS B 100 -7.29 10.64 12.07
CA CYS B 100 -8.39 11.51 12.45
C CYS B 100 -9.43 11.76 11.32
N SER B 101 -9.17 11.31 10.09
CA SER B 101 -10.12 11.45 8.97
C SER B 101 -9.87 10.35 7.97
N SER B 102 -10.90 10.01 7.20
CA SER B 102 -10.85 8.97 6.16
C SER B 102 -11.78 9.54 5.07
N TYR B 103 -11.27 9.61 3.84
CA TYR B 103 -12.06 10.15 2.77
C TYR B 103 -11.69 9.58 1.40
N SER B 104 -12.54 9.83 0.42
CA SER B 104 -12.33 9.35 -0.95
C SER B 104 -11.99 10.56 -1.81
N VAL B 105 -11.07 10.38 -2.75
CA VAL B 105 -10.67 11.46 -3.66
C VAL B 105 -11.41 11.16 -4.97
N ALA B 106 -11.92 12.19 -5.64
CA ALA B 106 -12.69 12.00 -6.87
C ALA B 106 -11.83 11.49 -8.03
N ASN B 107 -12.48 10.84 -8.98
CA ASN B 107 -11.86 10.31 -10.19
C ASN B 107 -11.53 11.53 -11.09
N ASN B 108 -10.46 12.25 -10.75
CA ASN B 108 -10.08 13.47 -11.45
C ASN B 108 -8.57 13.59 -11.26
N GLU B 109 -7.82 13.41 -12.35
CA GLU B 109 -6.35 13.35 -12.29
C GLU B 109 -5.70 14.51 -11.58
N LYS B 110 -6.31 15.66 -11.72
CA LYS B 110 -5.78 16.87 -11.14
C LYS B 110 -6.02 16.91 -9.62
N GLU B 111 -7.16 16.40 -9.20
CA GLU B 111 -7.44 16.38 -7.79
C GLU B 111 -6.62 15.33 -7.09
N ILE B 112 -6.28 14.27 -7.81
CA ILE B 112 -5.46 13.22 -7.25
C ILE B 112 -4.03 13.76 -7.12
N MET B 113 -3.55 14.48 -8.13
CA MET B 113 -2.21 15.07 -8.06
C MET B 113 -2.11 16.09 -6.90
N ALA B 114 -3.14 16.91 -6.73
CA ALA B 114 -3.12 17.88 -5.65
C ALA B 114 -3.05 17.22 -4.28
N GLU B 115 -3.82 16.14 -4.11
CA GLU B 115 -3.86 15.42 -2.83
C GLU B 115 -2.48 14.83 -2.47
N ILE B 116 -1.83 14.17 -3.43
CA ILE B 116 -0.53 13.56 -3.23
C ILE B 116 0.51 14.65 -2.96
N TYR B 117 0.44 15.74 -3.73
CA TYR B 117 1.37 16.84 -3.64
C TYR B 117 1.33 17.49 -2.25
N LYS B 118 0.14 17.66 -1.71
CA LYS B 118 -0.03 18.32 -0.44
C LYS B 118 0.07 17.38 0.79
N ASN B 119 -0.59 16.24 0.72
CA ASN B 119 -0.67 15.35 1.88
C ASN B 119 0.06 14.02 1.84
N GLY B 120 0.65 13.66 0.70
CA GLY B 120 1.36 12.40 0.63
C GLY B 120 0.65 11.34 -0.19
N PRO B 121 1.29 10.16 -0.34
CA PRO B 121 0.83 9.00 -1.08
C PRO B 121 -0.56 8.57 -0.72
N VAL B 122 -1.26 8.02 -1.70
CA VAL B 122 -2.61 7.59 -1.49
C VAL B 122 -2.71 6.14 -1.89
N GLU B 123 -3.86 5.54 -1.62
CA GLU B 123 -4.07 4.17 -2.03
C GLU B 123 -5.05 4.19 -3.20
N GLY B 124 -4.83 3.34 -4.20
CA GLY B 124 -5.75 3.22 -5.32
C GLY B 124 -5.96 1.76 -5.69
N ALA B 125 -6.76 1.51 -6.72
CA ALA B 125 -7.02 0.16 -7.17
C ALA B 125 -7.16 0.12 -8.69
N PHE B 126 -6.86 -1.03 -9.30
CA PHE B 126 -6.96 -1.17 -10.75
C PHE B 126 -7.19 -2.61 -11.11
N SER B 127 -7.68 -2.82 -12.34
CA SER B 127 -7.94 -4.15 -12.85
C SER B 127 -6.63 -4.67 -13.40
N VAL B 128 -6.23 -5.83 -12.90
CA VAL B 128 -4.99 -6.44 -13.36
C VAL B 128 -5.33 -7.41 -14.47
N TYR B 129 -4.66 -7.24 -15.59
CA TYR B 129 -4.83 -8.15 -16.70
C TYR B 129 -3.54 -8.92 -16.78
N SER B 130 -3.62 -10.08 -17.40
CA SER B 130 -2.51 -10.97 -17.59
C SER B 130 -1.20 -10.31 -18.05
N ASP B 131 -1.27 -9.34 -18.95
CA ASP B 131 -0.01 -8.74 -19.42
C ASP B 131 0.77 -7.91 -18.42
N PHE B 132 0.10 -7.52 -17.34
CA PHE B 132 0.73 -6.73 -16.32
C PHE B 132 1.75 -7.55 -15.53
N LEU B 133 1.50 -8.85 -15.37
CA LEU B 133 2.34 -9.74 -14.56
C LEU B 133 3.79 -9.71 -14.94
N LEU B 134 4.06 -9.56 -16.24
CA LEU B 134 5.41 -9.55 -16.78
C LEU B 134 6.04 -8.17 -16.87
N TYR B 135 5.36 -7.15 -16.36
CA TYR B 135 5.90 -5.80 -16.38
C TYR B 135 7.35 -5.73 -15.89
N LYS B 136 8.17 -4.95 -16.57
CA LYS B 136 9.59 -4.80 -16.20
C LYS B 136 9.99 -3.35 -16.09
N SER B 137 9.53 -2.54 -17.04
CA SER B 137 9.87 -1.14 -17.03
C SER B 137 9.04 -0.32 -18.03
N GLY B 138 9.26 0.99 -18.04
CA GLY B 138 8.49 1.86 -18.92
C GLY B 138 7.10 2.15 -18.37
N VAL B 139 6.21 2.62 -19.23
CA VAL B 139 4.87 2.92 -18.80
C VAL B 139 3.91 1.81 -19.20
N TYR B 140 3.33 1.15 -18.21
CA TYR B 140 2.40 0.09 -18.52
C TYR B 140 1.13 0.59 -19.16
N GLN B 141 0.69 -0.17 -20.17
CA GLN B 141 -0.55 0.06 -20.92
C GLN B 141 -1.13 -1.30 -21.28
N HIS B 142 -2.31 -1.62 -20.78
CA HIS B 142 -2.94 -2.92 -21.07
C HIS B 142 -3.19 -3.16 -22.56
N VAL B 143 -2.57 -4.19 -23.14
CA VAL B 143 -2.71 -4.57 -24.54
C VAL B 143 -3.57 -5.85 -24.71
N SER B 144 -3.24 -6.90 -23.95
CA SER B 144 -4.01 -8.13 -24.02
C SER B 144 -3.94 -8.96 -22.76
N GLY B 145 -4.69 -10.05 -22.73
CA GLY B 145 -4.68 -10.91 -21.57
C GLY B 145 -6.00 -10.98 -20.86
N GLU B 146 -6.27 -12.06 -20.15
CA GLU B 146 -7.56 -12.16 -19.47
C GLU B 146 -7.52 -11.46 -18.11
N ILE B 147 -8.67 -11.02 -17.65
CA ILE B 147 -8.82 -10.32 -16.37
C ILE B 147 -8.45 -11.27 -15.23
N MET B 148 -7.60 -10.81 -14.32
CA MET B 148 -7.18 -11.61 -13.18
C MET B 148 -7.79 -11.14 -11.87
N GLY B 149 -8.30 -9.92 -11.84
CA GLY B 149 -8.92 -9.42 -10.64
C GLY B 149 -8.51 -8.00 -10.34
N GLY B 150 -9.00 -7.46 -9.22
CA GLY B 150 -8.66 -6.10 -8.80
C GLY B 150 -7.42 -6.13 -7.92
N HIS B 151 -6.74 -5.00 -7.82
CA HIS B 151 -5.52 -4.94 -7.04
C HIS B 151 -5.39 -3.55 -6.46
N ALA B 152 -5.11 -3.47 -5.17
CA ALA B 152 -4.97 -2.19 -4.49
C ALA B 152 -3.49 -1.92 -4.32
N ILE B 153 -3.09 -0.66 -4.53
CA ILE B 153 -1.68 -0.27 -4.47
C ILE B 153 -1.51 1.15 -3.93
N ARG B 154 -0.27 1.58 -3.83
CA ARG B 154 0.08 2.90 -3.32
C ARG B 154 0.58 3.78 -4.46
N ILE B 155 -0.02 4.96 -4.62
CA ILE B 155 0.41 5.88 -5.67
C ILE B 155 1.22 6.98 -4.97
N LEU B 156 2.45 7.22 -5.40
CA LEU B 156 3.30 8.18 -4.67
C LEU B 156 3.92 9.28 -5.52
N GLY B 157 3.41 9.43 -6.75
CA GLY B 157 3.91 10.48 -7.61
C GLY B 157 3.45 10.32 -9.04
N TRP B 158 4.00 11.14 -9.94
CA TRP B 158 3.60 11.08 -11.35
C TRP B 158 4.71 11.70 -12.17
N GLY B 159 4.60 11.54 -13.48
CA GLY B 159 5.58 12.09 -14.38
C GLY B 159 5.22 11.90 -15.85
N VAL B 160 6.18 12.19 -16.72
CA VAL B 160 5.99 12.04 -18.15
C VAL B 160 7.19 11.27 -18.69
N GLU B 161 6.94 10.14 -19.34
CA GLU B 161 8.03 9.34 -19.89
C GLU B 161 7.80 9.08 -21.38
N ASN B 162 8.73 9.56 -22.21
CA ASN B 162 8.64 9.40 -23.68
C ASN B 162 7.37 10.06 -24.20
N GLY B 163 6.94 11.14 -23.53
CA GLY B 163 5.74 11.82 -23.93
C GLY B 163 4.49 11.22 -23.29
N THR B 164 4.62 10.02 -22.72
CA THR B 164 3.49 9.37 -22.09
C THR B 164 3.41 9.68 -20.59
N PRO B 165 2.31 10.30 -20.18
CA PRO B 165 2.08 10.65 -18.76
C PRO B 165 1.78 9.38 -17.95
N TYR B 166 2.35 9.29 -16.74
CA TYR B 166 2.16 8.09 -15.89
C TYR B 166 2.01 8.42 -14.40
N TRP B 167 1.60 7.42 -13.62
CA TRP B 167 1.50 7.52 -12.18
C TRP B 167 2.66 6.66 -11.67
N LEU B 168 3.37 7.14 -10.65
CA LEU B 168 4.44 6.33 -10.04
C LEU B 168 3.75 5.47 -8.96
N VAL B 169 3.93 4.16 -9.05
CA VAL B 169 3.21 3.25 -8.16
C VAL B 169 4.05 2.18 -7.48
N GLY B 170 3.76 1.96 -6.18
CA GLY B 170 4.45 0.94 -5.41
C GLY B 170 3.58 -0.28 -5.29
N ASN B 171 4.11 -1.40 -5.76
CA ASN B 171 3.37 -2.67 -5.68
C ASN B 171 3.83 -3.30 -4.35
N SER B 172 3.16 -4.38 -3.94
CA SER B 172 3.49 -5.11 -2.71
C SER B 172 3.92 -6.54 -3.06
N TRP B 173 4.71 -6.69 -4.11
CA TRP B 173 5.16 -8.02 -4.55
C TRP B 173 6.66 -8.18 -4.42
N ASN B 174 7.23 -7.52 -3.40
CA ASN B 174 8.67 -7.57 -3.14
C ASN B 174 9.39 -6.77 -4.20
N THR B 175 10.72 -6.71 -4.08
CA THR B 175 11.52 -5.87 -4.93
C THR B 175 12.07 -6.54 -6.18
N ASP B 176 11.98 -7.87 -6.26
CA ASP B 176 12.46 -8.56 -7.45
C ASP B 176 11.38 -8.61 -8.55
N TRP B 177 10.22 -8.05 -8.27
CA TRP B 177 9.18 -7.91 -9.30
C TRP B 177 9.19 -6.50 -9.86
N GLY B 178 9.02 -6.40 -11.17
CA GLY B 178 8.95 -5.10 -11.82
C GLY B 178 10.18 -4.24 -11.70
N ASP B 179 9.99 -2.94 -11.57
CA ASP B 179 11.10 -2.01 -11.47
C ASP B 179 11.44 -1.78 -9.98
N ASN B 180 12.14 -2.75 -9.38
CA ASN B 180 12.49 -2.74 -7.97
C ASN B 180 11.27 -2.64 -7.09
N GLY B 181 10.22 -3.36 -7.48
CA GLY B 181 8.98 -3.32 -6.74
C GLY B 181 8.02 -2.22 -7.14
N PHE B 182 8.48 -1.27 -7.95
CA PHE B 182 7.59 -0.17 -8.43
C PHE B 182 7.20 -0.37 -9.90
N PHE B 183 6.24 0.39 -10.38
CA PHE B 183 5.85 0.37 -11.79
C PHE B 183 5.18 1.70 -12.11
N LYS B 184 5.11 2.01 -13.40
CA LYS B 184 4.43 3.21 -13.86
C LYS B 184 3.27 2.75 -14.72
N ILE B 185 2.16 3.48 -14.65
CA ILE B 185 0.99 3.13 -15.41
C ILE B 185 0.39 4.41 -16.00
N LEU B 186 -0.18 4.25 -17.19
CA LEU B 186 -0.81 5.35 -17.93
C LEU B 186 -1.70 6.21 -17.05
N ARG B 187 -1.49 7.52 -17.13
CA ARG B 187 -2.24 8.48 -16.34
C ARG B 187 -3.13 9.35 -17.23
N GLY B 188 -4.25 9.80 -16.71
CA GLY B 188 -5.11 10.69 -17.46
C GLY B 188 -6.36 10.13 -18.11
N GLN B 189 -6.47 8.82 -18.31
CA GLN B 189 -7.66 8.26 -18.94
C GLN B 189 -8.28 7.08 -18.20
N ASP B 190 -8.18 7.15 -16.87
CA ASP B 190 -8.71 6.11 -16.00
C ASP B 190 -8.37 4.72 -16.48
N HIS B 191 -7.13 4.57 -16.90
CA HIS B 191 -6.66 3.29 -17.47
C HIS B 191 -6.77 2.14 -16.45
N CYS B 192 -7.51 1.10 -16.82
CA CYS B 192 -7.77 -0.04 -15.95
C CYS B 192 -8.35 0.46 -14.62
N GLY B 193 -8.95 1.66 -14.65
CA GLY B 193 -9.59 2.20 -13.47
C GLY B 193 -8.61 2.74 -12.43
N ILE B 194 -7.37 3.02 -12.83
CA ILE B 194 -6.38 3.52 -11.86
C ILE B 194 -6.77 4.80 -11.11
N GLU B 195 -7.72 5.57 -11.68
CA GLU B 195 -8.12 6.84 -11.07
C GLU B 195 -9.49 6.78 -10.42
N SER B 196 -10.11 5.61 -10.48
CA SER B 196 -11.44 5.47 -10.00
C SER B 196 -11.75 5.13 -8.56
N GLU B 197 -10.77 4.70 -7.76
CA GLU B 197 -11.03 4.32 -6.35
C GLU B 197 -9.92 4.84 -5.43
N ILE B 198 -9.54 6.09 -5.55
CA ILE B 198 -8.49 6.67 -4.74
C ILE B 198 -9.01 6.97 -3.34
N VAL B 199 -8.31 6.47 -2.33
CA VAL B 199 -8.71 6.77 -0.98
C VAL B 199 -7.51 7.24 -0.17
N ALA B 200 -7.75 8.04 0.85
CA ALA B 200 -6.67 8.55 1.67
C ALA B 200 -7.25 8.93 3.01
N GLY B 201 -6.46 9.63 3.83
CA GLY B 201 -6.90 10.01 5.16
C GLY B 201 -5.78 10.76 5.87
N MET B 202 -6.09 11.36 7.01
CA MET B 202 -5.11 12.14 7.75
C MET B 202 -4.91 11.63 9.18
N PRO B 203 -3.65 11.61 9.64
CA PRO B 203 -3.32 11.15 11.00
C PRO B 203 -3.73 12.13 12.07
N CYS B 204 -3.98 11.61 13.26
CA CYS B 204 -4.28 12.46 14.40
C CYS B 204 -2.89 12.90 14.86
N THR B 205 -2.67 14.21 14.88
CA THR B 205 -1.41 14.79 15.27
C THR B 205 -1.16 14.85 16.80
#